data_9DUF
#
_entry.id   9DUF
#
_cell.length_a   57.374
_cell.length_b   79.575
_cell.length_c   91.903
_cell.angle_alpha   90.00
_cell.angle_beta   90.00
_cell.angle_gamma   90.00
#
_symmetry.space_group_name_H-M   'P 21 21 21'
#
loop_
_entity.id
_entity.type
_entity.pdbx_description
1 polymer 'ADP-ribose pyrophosphatase'
2 non-polymer 'FLAVIN MONONUCLEOTIDE'
3 non-polymer 'MAGNESIUM ION'
4 water water
#
_entity_poly.entity_id   1
_entity_poly.type   'polypeptide(L)'
_entity_poly.pdbx_seq_one_letter_code
;MAHHHHHHMSKPTQQGITFSKNDVEIIARETLYRGFFSLDLYRFRHRLFNGGMSGEITREIFERGHAAVLLPFDPVRDEV
VLVEQIRIAAYDTSESPWLLEMVAGMIEAGETVEDVARREALEEAGLEVGRTKPILSYLASPGGTSERLSILVGEVDAST
AKGIHGLAEENEDIRVHVVSREQAYQWVEEGKIDNAASVIALQWLQLHYHNLRNEWTK
;
_entity_poly.pdbx_strand_id   A,B
#
loop_
_chem_comp.id
_chem_comp.type
_chem_comp.name
_chem_comp.formula
FMN non-polymer 'FLAVIN MONONUCLEOTIDE' 'C17 H21 N4 O9 P'
MG non-polymer 'MAGNESIUM ION' 'Mg 2'
#
# COMPACT_ATOMS: atom_id res chain seq x y z
N GLN A 15 -8.57 -4.85 -24.01
CA GLN A 15 -8.82 -3.95 -22.89
C GLN A 15 -7.51 -3.37 -22.35
N GLY A 16 -7.63 -2.60 -21.28
CA GLY A 16 -6.49 -2.06 -20.57
C GLY A 16 -6.45 -0.55 -20.65
N ILE A 17 -5.31 -0.01 -20.24
CA ILE A 17 -5.16 1.44 -20.19
C ILE A 17 -5.16 2.04 -21.59
N THR A 18 -5.44 3.33 -21.62
CA THR A 18 -5.75 4.07 -22.83
C THR A 18 -4.54 4.82 -23.38
N PHE A 19 -3.68 5.33 -22.50
CA PHE A 19 -2.60 6.22 -22.89
C PHE A 19 -1.27 5.72 -22.34
N SER A 20 -0.19 6.23 -22.97
CA SER A 20 1.19 5.83 -22.70
C SER A 20 2.04 7.04 -22.39
N LYS A 21 3.37 6.85 -22.27
CA LYS A 21 4.26 7.97 -21.97
C LYS A 21 4.29 8.99 -23.10
N ASN A 22 3.98 8.58 -24.33
CA ASN A 22 3.92 9.54 -25.43
C ASN A 22 2.80 10.55 -25.25
N ASP A 23 1.85 10.28 -24.35
CA ASP A 23 0.66 11.10 -24.18
C ASP A 23 0.76 12.06 -23.02
N VAL A 24 1.91 12.13 -22.37
CA VAL A 24 2.14 13.07 -21.29
C VAL A 24 3.47 13.77 -21.55
N GLU A 25 3.52 15.06 -21.22
CA GLU A 25 4.73 15.85 -21.31
C GLU A 25 5.06 16.35 -19.91
N ILE A 26 6.17 15.88 -19.36
CA ILE A 26 6.67 16.41 -18.09
C ILE A 26 7.50 17.64 -18.41
N ILE A 27 6.95 18.82 -18.09
CA ILE A 27 7.59 20.08 -18.44
C ILE A 27 8.83 20.31 -17.58
N ALA A 28 8.72 20.04 -16.28
CA ALA A 28 9.82 20.26 -15.37
C ALA A 28 9.52 19.51 -14.08
N ARG A 29 10.58 19.22 -13.34
CA ARG A 29 10.47 18.81 -11.96
C ARG A 29 11.30 19.79 -11.17
N GLU A 30 10.85 20.10 -9.96
CA GLU A 30 11.53 21.05 -9.07
C GLU A 30 11.63 20.41 -7.70
N THR A 31 12.82 20.35 -7.13
CA THR A 31 12.94 19.81 -5.79
C THR A 31 12.60 20.94 -4.83
N LEU A 32 11.54 20.77 -4.06
CA LEU A 32 11.05 21.74 -3.08
C LEU A 32 11.69 21.57 -1.72
N TYR A 33 12.11 20.35 -1.39
CA TYR A 33 12.76 20.04 -0.13
C TYR A 33 13.70 18.89 -0.40
N ARG A 34 14.93 18.98 0.12
CA ARG A 34 15.86 17.86 0.08
C ARG A 34 16.49 17.69 1.44
N GLY A 35 16.33 16.51 2.01
CA GLY A 35 16.98 16.16 3.25
C GLY A 35 17.33 14.69 3.16
N PHE A 36 16.81 13.87 4.08
CA PHE A 36 16.97 12.43 3.95
C PHE A 36 16.18 11.93 2.75
N PHE A 37 14.94 12.39 2.62
CA PHE A 37 14.10 12.18 1.45
C PHE A 37 13.93 13.52 0.73
N SER A 38 13.11 13.54 -0.31
CA SER A 38 12.89 14.74 -1.10
CA SER A 38 12.87 14.78 -1.02
C SER A 38 11.40 14.90 -1.37
N LEU A 39 11.00 16.14 -1.61
CA LEU A 39 9.67 16.45 -2.09
C LEU A 39 9.85 17.23 -3.38
N ASP A 40 9.35 16.66 -4.48
CA ASP A 40 9.50 17.23 -5.80
C ASP A 40 8.15 17.71 -6.31
N LEU A 41 8.16 18.79 -7.07
CA LEU A 41 6.98 19.28 -7.77
C LEU A 41 7.11 18.87 -9.22
N TYR A 42 6.22 18.01 -9.69
CA TYR A 42 6.15 17.67 -11.11
C TYR A 42 5.19 18.64 -11.79
N ARG A 43 5.61 19.16 -12.94
CA ARG A 43 4.80 20.04 -13.75
C ARG A 43 4.61 19.37 -15.10
N PHE A 44 3.36 19.16 -15.52
CA PHE A 44 3.10 18.32 -16.69
C PHE A 44 1.77 18.67 -17.34
N ARG A 45 1.60 18.21 -18.58
CA ARG A 45 0.31 18.23 -19.25
C ARG A 45 0.07 16.86 -19.89
N HIS A 46 -1.19 16.50 -20.09
CA HIS A 46 -1.46 15.14 -20.55
C HIS A 46 -2.72 15.06 -21.39
N ARG A 47 -2.80 14.02 -22.21
CA ARG A 47 -3.97 13.79 -23.02
C ARG A 47 -5.20 13.53 -22.16
N LEU A 48 -6.34 13.99 -22.66
CA LEU A 48 -7.64 13.80 -22.02
C LEU A 48 -8.41 12.73 -22.78
N PHE A 49 -9.24 11.99 -22.04
CA PHE A 49 -9.99 10.88 -22.63
C PHE A 49 -10.92 11.35 -23.75
N ASN A 50 -11.57 12.50 -23.59
CA ASN A 50 -12.50 13.00 -24.60
C ASN A 50 -11.78 13.77 -25.69
N GLY A 51 -10.46 13.78 -25.67
CA GLY A 51 -9.69 14.42 -26.72
C GLY A 51 -9.02 15.69 -26.23
N GLY A 52 -7.89 16.01 -26.84
CA GLY A 52 -7.16 17.21 -26.50
C GLY A 52 -6.21 16.99 -25.34
N MET A 53 -5.60 18.10 -24.93
CA MET A 53 -4.58 18.11 -23.89
C MET A 53 -5.05 18.95 -22.70
N SER A 54 -4.71 18.49 -21.51
CA SER A 54 -4.92 19.29 -20.32
C SER A 54 -4.05 20.54 -20.39
N GLY A 55 -4.34 21.48 -19.49
CA GLY A 55 -3.40 22.54 -19.20
C GLY A 55 -2.29 22.01 -18.31
N GLU A 56 -1.44 22.93 -17.89
CA GLU A 56 -0.33 22.60 -17.00
C GLU A 56 -0.87 22.24 -15.62
N ILE A 57 -0.41 21.12 -15.08
CA ILE A 57 -0.81 20.61 -13.78
C ILE A 57 0.47 20.47 -12.95
N THR A 58 0.38 20.76 -11.66
CA THR A 58 1.48 20.49 -10.75
C THR A 58 1.04 19.52 -9.66
N ARG A 59 1.95 18.64 -9.28
CA ARG A 59 1.70 17.70 -8.20
C ARG A 59 2.94 17.59 -7.33
N GLU A 60 2.74 17.66 -6.01
CA GLU A 60 3.80 17.43 -5.03
C GLU A 60 3.96 15.94 -4.80
N ILE A 61 5.17 15.44 -5.03
CA ILE A 61 5.47 14.01 -5.00
C ILE A 61 6.60 13.74 -4.01
N PHE A 62 6.31 12.90 -3.04
CA PHE A 62 7.31 12.46 -2.06
C PHE A 62 8.22 11.42 -2.71
N GLU A 63 9.52 11.71 -2.76
CA GLU A 63 10.54 10.89 -3.41
C GLU A 63 11.42 10.30 -2.33
N ARG A 64 11.36 8.99 -2.18
CA ARG A 64 12.15 8.31 -1.17
C ARG A 64 12.76 7.03 -1.72
N GLY A 65 12.97 6.95 -3.02
CA GLY A 65 13.47 5.73 -3.61
C GLY A 65 12.46 4.60 -3.51
N HIS A 66 12.97 3.38 -3.71
CA HIS A 66 12.15 2.18 -3.86
C HIS A 66 12.71 1.07 -2.99
N ALA A 67 11.86 0.08 -2.71
CA ALA A 67 12.18 -0.90 -1.69
C ALA A 67 12.04 -2.33 -2.21
N ALA A 68 12.81 -3.21 -1.59
CA ALA A 68 12.65 -4.65 -1.70
C ALA A 68 12.04 -5.15 -0.40
N VAL A 69 11.08 -6.08 -0.51
CA VAL A 69 10.36 -6.63 0.63
C VAL A 69 10.47 -8.14 0.54
N LEU A 70 10.67 -8.81 1.68
N LEU A 70 10.68 -8.79 1.69
CA LEU A 70 10.75 -10.27 1.69
CA LEU A 70 10.75 -10.24 1.78
C LEU A 70 9.82 -10.83 2.76
C LEU A 70 9.73 -10.74 2.77
N LEU A 71 8.84 -11.61 2.31
CA LEU A 71 7.98 -12.41 3.19
C LEU A 71 8.75 -13.68 3.55
N PRO A 72 9.18 -13.85 4.80
CA PRO A 72 9.92 -15.07 5.16
C PRO A 72 8.94 -16.17 5.53
N PHE A 73 8.87 -17.22 4.70
CA PHE A 73 7.91 -18.31 4.82
C PHE A 73 8.66 -19.62 5.01
N ASP A 74 8.28 -20.36 6.03
CA ASP A 74 8.83 -21.69 6.27
C ASP A 74 7.81 -22.68 5.75
N PRO A 75 8.07 -23.33 4.61
CA PRO A 75 7.07 -24.24 4.04
C PRO A 75 6.99 -25.57 4.75
N VAL A 76 8.01 -25.94 5.51
CA VAL A 76 7.95 -27.17 6.30
C VAL A 76 6.94 -27.01 7.44
N ARG A 77 6.96 -25.85 8.09
CA ARG A 77 6.19 -25.61 9.31
C ARG A 77 4.95 -24.77 9.05
N ASP A 78 4.80 -24.23 7.84
CA ASP A 78 3.68 -23.35 7.54
C ASP A 78 3.68 -22.15 8.48
N GLU A 79 4.85 -21.52 8.62
CA GLU A 79 5.04 -20.41 9.54
C GLU A 79 5.63 -19.22 8.79
N VAL A 80 5.39 -18.05 9.36
CA VAL A 80 5.90 -16.79 8.85
CA VAL A 80 5.98 -16.82 8.83
C VAL A 80 6.75 -16.14 9.95
N VAL A 81 7.80 -15.44 9.53
CA VAL A 81 8.61 -14.65 10.45
C VAL A 81 8.26 -13.18 10.22
N LEU A 82 7.85 -12.51 11.29
CA LEU A 82 7.52 -11.10 11.26
C LEU A 82 8.59 -10.33 12.01
N VAL A 83 8.80 -9.09 11.62
CA VAL A 83 9.71 -8.21 12.34
C VAL A 83 8.92 -7.06 12.94
N GLU A 84 9.27 -6.68 14.16
CA GLU A 84 8.60 -5.61 14.89
C GLU A 84 9.56 -4.45 15.08
N GLN A 85 9.11 -3.26 14.74
CA GLN A 85 9.90 -2.07 14.99
C GLN A 85 8.97 -0.86 15.02
N ILE A 86 9.44 0.21 15.62
CA ILE A 86 8.64 1.43 15.68
C ILE A 86 8.62 2.09 14.31
N ARG A 87 7.44 2.58 13.94
CA ARG A 87 7.23 3.41 12.75
C ARG A 87 6.44 4.61 13.24
N ILE A 88 7.15 5.71 13.55
CA ILE A 88 6.49 6.83 14.23
C ILE A 88 5.36 7.41 13.39
N ALA A 89 5.45 7.32 12.06
CA ALA A 89 4.38 7.84 11.21
C ALA A 89 3.04 7.16 11.48
N ALA A 90 3.04 5.95 12.05
CA ALA A 90 1.80 5.26 12.37
C ALA A 90 1.11 5.86 13.59
N TYR A 91 1.81 6.68 14.37
CA TYR A 91 1.34 7.09 15.69
C TYR A 91 -0.07 7.66 15.66
N ASP A 92 -0.34 8.60 14.75
CA ASP A 92 -1.55 9.39 14.89
C ASP A 92 -2.80 8.61 14.53
N THR A 93 -2.68 7.47 13.84
CA THR A 93 -3.85 6.71 13.41
C THR A 93 -3.85 5.27 13.93
N SER A 94 -2.96 4.92 14.84
CA SER A 94 -2.82 3.56 15.30
C SER A 94 -2.74 3.52 16.82
N GLU A 95 -3.10 2.40 17.44
CA GLU A 95 -3.02 2.35 18.89
C GLU A 95 -1.57 2.33 19.36
N SER A 96 -0.67 1.75 18.57
CA SER A 96 0.77 1.76 18.86
C SER A 96 1.55 1.98 17.57
N PRO A 97 2.66 2.70 17.63
CA PRO A 97 3.50 2.86 16.44
C PRO A 97 4.44 1.69 16.20
N TRP A 98 4.51 0.73 17.10
CA TRP A 98 5.29 -0.48 16.83
C TRP A 98 4.45 -1.39 15.95
N LEU A 99 4.97 -1.73 14.77
CA LEU A 99 4.25 -2.51 13.78
C LEU A 99 4.90 -3.88 13.58
N LEU A 100 4.08 -4.86 13.20
CA LEU A 100 4.55 -6.15 12.71
C LEU A 100 4.60 -6.11 11.18
N GLU A 101 5.78 -6.38 10.62
CA GLU A 101 6.05 -6.10 9.22
C GLU A 101 6.88 -7.19 8.57
N MET A 102 7.04 -7.04 7.26
CA MET A 102 7.95 -7.82 6.46
C MET A 102 9.36 -7.25 6.55
N VAL A 103 10.34 -8.14 6.40
CA VAL A 103 11.70 -7.71 6.13
C VAL A 103 11.67 -6.80 4.91
N ALA A 104 12.39 -5.69 4.96
CA ALA A 104 12.37 -4.77 3.83
C ALA A 104 13.53 -3.79 3.94
N GLY A 105 14.01 -3.34 2.78
CA GLY A 105 15.01 -2.27 2.78
C GLY A 105 15.06 -1.54 1.47
N MET A 106 15.75 -0.40 1.50
CA MET A 106 15.87 0.42 0.31
C MET A 106 16.80 -0.22 -0.71
N ILE A 107 16.47 -0.04 -1.98
CA ILE A 107 17.31 -0.50 -3.07
C ILE A 107 18.26 0.63 -3.46
N GLU A 108 19.56 0.39 -3.29
CA GLU A 108 20.60 1.34 -3.67
C GLU A 108 20.98 1.13 -5.13
N ALA A 109 21.70 2.10 -5.68
CA ALA A 109 22.09 2.05 -7.09
C ALA A 109 22.87 0.77 -7.38
N GLY A 110 22.46 0.07 -8.44
CA GLY A 110 23.14 -1.13 -8.88
C GLY A 110 22.68 -2.42 -8.22
N GLU A 111 21.85 -2.35 -7.19
CA GLU A 111 21.43 -3.54 -6.47
C GLU A 111 20.14 -4.10 -7.06
N THR A 112 19.99 -5.42 -6.95
CA THR A 112 18.76 -6.07 -7.36
C THR A 112 17.82 -6.22 -6.17
N VAL A 113 16.53 -6.37 -6.48
CA VAL A 113 15.55 -6.67 -5.46
C VAL A 113 15.99 -7.88 -4.63
N GLU A 114 16.44 -8.92 -5.30
CA GLU A 114 16.80 -10.15 -4.60
C GLU A 114 18.00 -9.94 -3.68
N ASP A 115 19.02 -9.22 -4.15
CA ASP A 115 20.18 -8.95 -3.29
C ASP A 115 19.76 -8.22 -2.02
N VAL A 116 18.91 -7.20 -2.16
CA VAL A 116 18.49 -6.43 -0.99
C VAL A 116 17.67 -7.29 -0.05
N ALA A 117 16.70 -8.03 -0.59
CA ALA A 117 15.85 -8.89 0.23
C ALA A 117 16.68 -9.87 1.05
N ARG A 118 17.67 -10.50 0.42
CA ARG A 118 18.47 -11.48 1.14
C ARG A 118 19.35 -10.83 2.21
N ARG A 119 19.92 -9.66 1.91
CA ARG A 119 20.73 -8.97 2.90
C ARG A 119 19.88 -8.52 4.09
N GLU A 120 18.71 -7.94 3.83
CA GLU A 120 17.89 -7.45 4.92
C GLU A 120 17.35 -8.60 5.76
N ALA A 121 17.10 -9.76 5.15
CA ALA A 121 16.62 -10.87 5.96
C ALA A 121 17.65 -11.26 7.01
N LEU A 122 18.94 -11.19 6.65
CA LEU A 122 19.99 -11.51 7.61
C LEU A 122 20.12 -10.40 8.66
N GLU A 123 20.13 -9.13 8.23
CA GLU A 123 20.34 -8.03 9.17
C GLU A 123 19.16 -7.84 10.12
N GLU A 124 17.94 -8.04 9.65
CA GLU A 124 16.76 -7.69 10.42
C GLU A 124 16.18 -8.85 11.20
N ALA A 125 16.47 -10.09 10.79
CA ALA A 125 15.85 -11.25 11.41
C ALA A 125 16.83 -12.38 11.66
N GLY A 126 18.10 -12.21 11.28
CA GLY A 126 19.07 -13.29 11.42
C GLY A 126 18.79 -14.47 10.52
N LEU A 127 18.09 -14.26 9.41
CA LEU A 127 17.58 -15.36 8.60
C LEU A 127 18.45 -15.58 7.36
N GLU A 128 18.88 -16.81 7.18
CA GLU A 128 19.37 -17.25 5.88
C GLU A 128 18.16 -17.59 5.03
N VAL A 129 18.24 -17.28 3.75
CA VAL A 129 17.13 -17.49 2.82
C VAL A 129 17.57 -18.51 1.80
N GLY A 130 16.69 -19.48 1.54
CA GLY A 130 16.91 -20.46 0.50
C GLY A 130 16.40 -19.96 -0.82
N ARG A 131 15.39 -20.62 -1.37
CA ARG A 131 14.78 -20.15 -2.61
C ARG A 131 13.97 -18.87 -2.39
N THR A 132 13.82 -18.11 -3.46
CA THR A 132 12.89 -16.98 -3.51
C THR A 132 12.00 -17.09 -4.74
N LYS A 133 10.83 -16.45 -4.66
CA LYS A 133 9.94 -16.29 -5.81
C LYS A 133 9.34 -14.89 -5.74
N PRO A 134 9.05 -14.28 -6.89
CA PRO A 134 8.33 -13.00 -6.83
C PRO A 134 6.91 -13.17 -6.33
N ILE A 135 6.45 -12.18 -5.59
CA ILE A 135 5.04 -12.06 -5.24
C ILE A 135 4.46 -11.01 -6.22
N LEU A 136 4.71 -9.74 -5.93
CA LEU A 136 4.09 -8.63 -6.65
C LEU A 136 4.98 -7.41 -6.41
N SER A 137 4.91 -6.46 -7.33
CA SER A 137 5.58 -5.16 -7.19
C SER A 137 4.51 -4.09 -7.29
N TYR A 138 4.43 -3.22 -6.29
CA TYR A 138 3.31 -2.29 -6.19
C TYR A 138 3.76 -0.86 -5.88
N LEU A 139 2.93 0.08 -6.31
CA LEU A 139 3.07 1.49 -5.95
C LEU A 139 2.33 1.73 -4.65
N ALA A 140 3.05 2.24 -3.65
CA ALA A 140 2.47 2.38 -2.32
C ALA A 140 1.26 3.31 -2.29
N SER A 141 1.36 4.44 -2.98
CA SER A 141 0.32 5.47 -2.93
C SER A 141 0.60 6.48 -4.04
N PRO A 142 0.30 6.13 -5.28
CA PRO A 142 0.84 6.88 -6.42
C PRO A 142 0.24 8.24 -6.67
N GLY A 143 -0.77 8.68 -5.94
CA GLY A 143 -1.21 10.06 -6.02
C GLY A 143 -0.23 11.05 -5.42
N GLY A 144 0.62 10.59 -4.51
CA GLY A 144 1.48 11.48 -3.77
C GLY A 144 2.90 11.03 -3.56
N THR A 145 3.24 9.79 -3.90
CA THR A 145 4.62 9.32 -3.75
C THR A 145 4.96 8.40 -4.92
N SER A 146 6.20 8.46 -5.37
CA SER A 146 6.65 7.58 -6.44
C SER A 146 7.00 6.17 -5.95
N GLU A 147 6.99 5.93 -4.65
CA GLU A 147 7.58 4.73 -4.09
C GLU A 147 6.95 3.47 -4.67
N ARG A 148 7.83 2.58 -5.15
CA ARG A 148 7.49 1.23 -5.56
C ARG A 148 8.19 0.27 -4.61
N LEU A 149 7.49 -0.79 -4.24
CA LEU A 149 8.03 -1.84 -3.39
C LEU A 149 7.85 -3.17 -4.09
N SER A 150 8.89 -3.95 -4.20
CA SER A 150 8.86 -5.23 -4.89
C SER A 150 9.02 -6.34 -3.87
N ILE A 151 8.02 -7.21 -3.79
CA ILE A 151 7.95 -8.26 -2.77
C ILE A 151 8.37 -9.59 -3.35
N LEU A 152 9.25 -10.29 -2.63
CA LEU A 152 9.57 -11.68 -2.83
C LEU A 152 9.08 -12.49 -1.64
N VAL A 153 8.77 -13.76 -1.87
CA VAL A 153 8.66 -14.72 -0.78
C VAL A 153 9.96 -15.49 -0.70
N GLY A 154 10.47 -15.68 0.51
CA GLY A 154 11.74 -16.33 0.72
C GLY A 154 11.61 -17.52 1.64
N GLU A 155 12.24 -18.63 1.25
CA GLU A 155 12.23 -19.87 2.02
C GLU A 155 13.13 -19.74 3.24
N VAL A 156 12.59 -19.95 4.43
CA VAL A 156 13.38 -19.88 5.65
C VAL A 156 13.05 -21.04 6.58
N ASP A 157 13.96 -21.28 7.51
CA ASP A 157 13.76 -22.17 8.65
C ASP A 157 13.37 -21.30 9.83
N ALA A 158 12.08 -21.27 10.14
CA ALA A 158 11.56 -20.40 11.19
C ALA A 158 12.05 -20.81 12.57
N SER A 159 12.52 -22.04 12.74
CA SER A 159 13.12 -22.43 14.03
C SER A 159 14.42 -21.68 14.32
N THR A 160 15.02 -21.03 13.32
CA THR A 160 16.25 -20.26 13.50
C THR A 160 15.98 -18.77 13.75
N ALA A 161 14.70 -18.38 13.82
CA ALA A 161 14.33 -16.98 13.90
C ALA A 161 13.98 -16.63 15.34
N LYS A 162 14.78 -15.76 15.94
CA LYS A 162 14.51 -15.30 17.29
C LYS A 162 15.36 -14.07 17.54
N GLY A 163 15.01 -13.36 18.59
CA GLY A 163 15.90 -12.35 19.14
C GLY A 163 15.68 -10.95 18.59
N ILE A 164 16.65 -10.10 18.94
CA ILE A 164 16.65 -8.68 18.62
C ILE A 164 17.73 -8.44 17.57
N HIS A 165 17.38 -7.70 16.54
CA HIS A 165 18.24 -7.50 15.38
C HIS A 165 18.11 -6.04 14.95
N GLY A 166 18.42 -5.78 13.69
CA GLY A 166 18.55 -4.43 13.21
C GLY A 166 19.88 -3.82 13.61
N LEU A 167 20.28 -2.82 12.83
CA LEU A 167 21.56 -2.13 13.03
C LEU A 167 21.32 -1.04 14.07
N ALA A 168 21.73 -1.30 15.32
CA ALA A 168 21.48 -0.35 16.40
C ALA A 168 22.29 0.93 16.24
N GLU A 169 23.47 0.85 15.62
CA GLU A 169 24.24 2.05 15.31
C GLU A 169 23.48 2.97 14.36
N GLU A 170 22.39 2.48 13.77
CA GLU A 170 21.56 3.26 12.85
C GLU A 170 20.16 3.48 13.40
N ASN A 171 19.93 3.18 14.67
CA ASN A 171 18.64 3.39 15.32
C ASN A 171 17.55 2.49 14.73
N GLU A 172 17.94 1.28 14.33
CA GLU A 172 17.03 0.28 13.78
C GLU A 172 16.96 -0.86 14.78
N ASP A 173 15.93 -0.85 15.62
CA ASP A 173 15.78 -1.77 16.74
C ASP A 173 14.62 -2.70 16.39
N ILE A 174 14.90 -3.98 16.16
CA ILE A 174 13.95 -4.91 15.55
C ILE A 174 13.83 -6.15 16.39
N ARG A 175 12.60 -6.61 16.63
CA ARG A 175 12.36 -7.88 17.32
C ARG A 175 11.71 -8.88 16.35
N VAL A 176 12.14 -10.13 16.42
CA VAL A 176 11.61 -11.17 15.56
C VAL A 176 10.45 -11.88 16.24
N HIS A 177 9.43 -12.18 15.45
CA HIS A 177 8.30 -12.98 15.92
C HIS A 177 8.07 -14.10 14.92
N VAL A 178 7.75 -15.28 15.40
CA VAL A 178 7.35 -16.40 14.56
C VAL A 178 5.92 -16.77 14.90
N VAL A 179 5.07 -16.85 13.88
CA VAL A 179 3.69 -17.27 14.05
C VAL A 179 3.31 -18.19 12.90
N SER A 180 2.24 -18.94 13.10
CA SER A 180 1.69 -19.71 11.99
C SER A 180 1.23 -18.76 10.89
N ARG A 181 1.25 -19.25 9.65
CA ARG A 181 0.63 -18.51 8.57
C ARG A 181 -0.81 -18.13 8.92
N GLU A 182 -1.57 -19.08 9.47
CA GLU A 182 -2.98 -18.81 9.73
C GLU A 182 -3.13 -17.67 10.75
N GLN A 183 -2.27 -17.66 11.77
CA GLN A 183 -2.32 -16.57 12.74
C GLN A 183 -1.96 -15.24 12.10
N ALA A 184 -0.92 -15.23 11.27
CA ALA A 184 -0.56 -13.98 10.62
C ALA A 184 -1.69 -13.46 9.75
N TYR A 185 -2.35 -14.35 9.01
CA TYR A 185 -3.46 -13.93 8.17
C TYR A 185 -4.65 -13.47 9.02
N GLN A 186 -4.96 -14.18 10.11
CA GLN A 186 -6.00 -13.73 11.03
C GLN A 186 -5.69 -12.32 11.55
N TRP A 187 -4.42 -12.02 11.80
CA TRP A 187 -4.06 -10.68 12.26
C TRP A 187 -4.25 -9.64 11.17
N VAL A 188 -4.08 -10.00 9.90
CA VAL A 188 -4.49 -9.10 8.83
C VAL A 188 -5.99 -8.86 8.88
N GLU A 189 -6.79 -9.94 8.99
CA GLU A 189 -8.24 -9.77 9.01
C GLU A 189 -8.67 -8.89 10.16
N GLU A 190 -8.03 -9.04 11.32
CA GLU A 190 -8.39 -8.32 12.52
C GLU A 190 -7.82 -6.90 12.58
N GLY A 191 -6.92 -6.53 11.67
CA GLY A 191 -6.31 -5.22 11.70
C GLY A 191 -5.08 -5.09 12.56
N LYS A 192 -4.59 -6.19 13.15
CA LYS A 192 -3.36 -6.15 13.94
C LYS A 192 -2.11 -6.07 13.06
N ILE A 193 -2.20 -6.54 11.82
CA ILE A 193 -1.21 -6.27 10.78
C ILE A 193 -1.92 -5.43 9.74
N ASP A 194 -1.46 -4.20 9.53
CA ASP A 194 -2.19 -3.25 8.71
C ASP A 194 -1.28 -2.31 7.95
N ASN A 195 -0.06 -2.74 7.65
CA ASN A 195 0.81 -2.01 6.73
C ASN A 195 0.77 -2.68 5.36
N ALA A 196 0.77 -1.87 4.30
CA ALA A 196 0.50 -2.38 2.96
C ALA A 196 1.38 -3.58 2.60
N ALA A 197 2.69 -3.49 2.84
CA ALA A 197 3.59 -4.54 2.37
C ALA A 197 3.19 -5.88 2.98
N SER A 198 2.87 -5.88 4.28
CA SER A 198 2.52 -7.13 4.96
C SER A 198 1.13 -7.61 4.56
N VAL A 199 0.18 -6.70 4.40
CA VAL A 199 -1.16 -7.10 3.97
C VAL A 199 -1.09 -7.76 2.60
N ILE A 200 -0.38 -7.12 1.66
CA ILE A 200 -0.29 -7.65 0.31
C ILE A 200 0.42 -8.99 0.31
N ALA A 201 1.54 -9.09 1.02
CA ALA A 201 2.29 -10.34 1.06
C ALA A 201 1.49 -11.46 1.69
N LEU A 202 0.82 -11.18 2.81
CA LEU A 202 0.10 -12.24 3.51
C LEU A 202 -1.19 -12.64 2.81
N GLN A 203 -1.87 -11.69 2.16
CA GLN A 203 -2.99 -12.07 1.32
C GLN A 203 -2.52 -12.94 0.16
N TRP A 204 -1.41 -12.55 -0.47
CA TRP A 204 -0.85 -13.40 -1.52
C TRP A 204 -0.58 -14.80 -0.97
N LEU A 205 0.04 -14.88 0.20
CA LEU A 205 0.36 -16.18 0.78
C LEU A 205 -0.89 -16.99 1.03
N GLN A 206 -1.96 -16.35 1.49
CA GLN A 206 -3.18 -17.07 1.76
C GLN A 206 -3.78 -17.63 0.47
N LEU A 207 -3.55 -16.96 -0.66
CA LEU A 207 -4.03 -17.43 -1.97
C LEU A 207 -3.11 -18.44 -2.65
N HIS A 208 -1.85 -18.56 -2.22
CA HIS A 208 -0.88 -19.40 -2.93
C HIS A 208 -0.17 -20.44 -2.07
N TYR A 209 -0.44 -20.52 -0.78
CA TYR A 209 0.42 -21.31 0.10
C TYR A 209 0.40 -22.80 -0.22
N HIS A 210 -0.75 -23.32 -0.62
N HIS A 210 -0.76 -23.33 -0.60
CA HIS A 210 -0.81 -24.76 -0.85
CA HIS A 210 -0.83 -24.77 -0.85
C HIS A 210 0.16 -25.16 -1.96
C HIS A 210 0.14 -25.17 -1.96
N ASN A 211 0.13 -24.44 -3.08
CA ASN A 211 1.04 -24.73 -4.16
C ASN A 211 2.48 -24.44 -3.77
N LEU A 212 2.69 -23.35 -3.01
CA LEU A 212 4.06 -22.99 -2.63
C LEU A 212 4.69 -24.06 -1.72
N ARG A 213 3.92 -24.56 -0.75
CA ARG A 213 4.45 -25.59 0.13
C ARG A 213 4.78 -26.85 -0.66
N ASN A 214 3.93 -27.23 -1.62
CA ASN A 214 4.26 -28.37 -2.48
C ASN A 214 5.53 -28.11 -3.28
N GLU A 215 5.69 -26.89 -3.79
CA GLU A 215 6.86 -26.60 -4.61
C GLU A 215 8.14 -26.66 -3.80
N TRP A 216 8.10 -26.18 -2.57
CA TRP A 216 9.31 -26.05 -1.77
C TRP A 216 9.60 -27.23 -0.83
N THR A 217 8.76 -28.24 -0.78
CA THR A 217 9.09 -29.42 0.03
C THR A 217 9.26 -30.68 -0.82
N LYS A 218 9.21 -30.55 -2.14
CA LYS A 218 9.55 -31.64 -3.05
C LYS A 218 10.86 -32.28 -2.62
N GLN B 15 1.92 -12.80 22.76
CA GLN B 15 1.94 -12.65 21.31
C GLN B 15 1.54 -11.23 20.91
N GLY B 16 2.06 -10.79 19.76
CA GLY B 16 1.80 -9.44 19.30
C GLY B 16 2.91 -8.49 19.71
N ILE B 17 2.65 -7.21 19.46
CA ILE B 17 3.67 -6.18 19.64
C ILE B 17 4.04 -6.04 21.12
N THR B 18 5.16 -5.36 21.36
CA THR B 18 5.82 -5.32 22.66
C THR B 18 5.56 -4.03 23.42
N PHE B 19 5.45 -2.92 22.71
CA PHE B 19 5.45 -1.61 23.32
C PHE B 19 4.24 -0.84 22.82
N SER B 20 3.84 0.16 23.61
CA SER B 20 2.64 0.96 23.43
C SER B 20 3.02 2.43 23.36
N LYS B 21 2.02 3.32 23.29
CA LYS B 21 2.30 4.75 23.33
C LYS B 21 2.87 5.21 24.67
N ASN B 22 2.75 4.41 25.73
CA ASN B 22 3.42 4.75 26.98
C ASN B 22 4.93 4.69 26.85
N ASP B 23 5.44 4.07 25.78
CA ASP B 23 6.85 3.74 25.64
C ASP B 23 7.56 4.63 24.63
N VAL B 24 6.91 5.67 24.13
CA VAL B 24 7.49 6.60 23.18
C VAL B 24 7.03 8.01 23.54
N GLU B 25 7.92 8.97 23.41
CA GLU B 25 7.56 10.38 23.56
C GLU B 25 7.95 11.09 22.27
N ILE B 26 7.00 11.75 21.64
CA ILE B 26 7.28 12.67 20.55
C ILE B 26 7.59 14.01 21.19
N ILE B 27 8.84 14.45 21.06
CA ILE B 27 9.30 15.68 21.71
C ILE B 27 8.79 16.91 20.97
N ALA B 28 8.79 16.86 19.64
CA ALA B 28 8.40 17.98 18.81
C ALA B 28 8.19 17.46 17.40
N ARG B 29 7.53 18.27 16.58
CA ARG B 29 7.43 18.06 15.14
C ARG B 29 7.77 19.37 14.46
N GLU B 30 8.61 19.34 13.44
CA GLU B 30 9.00 20.55 12.76
C GLU B 30 8.48 20.49 11.33
N THR B 31 7.83 21.57 10.85
CA THR B 31 7.42 21.63 9.45
C THR B 31 8.66 21.86 8.59
N LEU B 32 8.98 20.85 7.79
CA LEU B 32 10.07 20.95 6.83
C LEU B 32 9.60 21.59 5.53
N TYR B 33 8.35 21.33 5.15
CA TYR B 33 7.75 21.88 3.95
C TYR B 33 6.26 21.99 4.18
N ARG B 34 5.71 23.13 3.77
N ARG B 34 5.67 23.13 3.83
CA ARG B 34 4.29 23.42 3.87
CA ARG B 34 4.22 23.31 3.92
C ARG B 34 3.84 23.84 2.47
C ARG B 34 3.71 23.87 2.59
N GLY B 35 2.99 23.02 1.86
CA GLY B 35 2.43 23.39 0.57
C GLY B 35 1.04 22.78 0.49
N PHE B 36 0.70 22.13 -0.62
CA PHE B 36 -0.56 21.40 -0.65
C PHE B 36 -0.54 20.29 0.39
N PHE B 37 0.56 19.56 0.47
CA PHE B 37 0.85 18.59 1.51
C PHE B 37 1.95 19.17 2.38
N SER B 38 2.38 18.40 3.38
CA SER B 38 3.47 18.86 4.22
CA SER B 38 3.42 18.83 4.30
C SER B 38 4.44 17.72 4.47
N LEU B 39 5.63 18.10 4.86
CA LEU B 39 6.65 17.16 5.29
C LEU B 39 7.08 17.64 6.66
N ASP B 40 7.04 16.75 7.66
N ASP B 40 6.97 16.77 7.66
CA ASP B 40 7.26 17.11 9.06
CA ASP B 40 7.30 17.09 9.04
C ASP B 40 8.34 16.21 9.66
C ASP B 40 8.50 16.26 9.49
N LEU B 41 9.29 16.83 10.37
CA LEU B 41 10.33 16.08 11.07
C LEU B 41 9.77 15.74 12.44
N TYR B 42 9.55 14.45 12.71
CA TYR B 42 9.18 14.02 14.04
C TYR B 42 10.47 13.80 14.83
N ARG B 43 10.53 14.34 16.05
CA ARG B 43 11.65 14.16 16.97
C ARG B 43 11.10 13.38 18.16
N PHE B 44 11.72 12.23 18.47
CA PHE B 44 11.10 11.35 19.47
C PHE B 44 12.15 10.49 20.13
N ARG B 45 11.79 9.91 21.27
CA ARG B 45 12.57 8.87 21.92
C ARG B 45 11.65 7.69 22.18
N HIS B 46 12.24 6.49 22.31
CA HIS B 46 11.41 5.31 22.48
C HIS B 46 12.20 4.21 23.18
N ARG B 47 11.45 3.32 23.82
CA ARG B 47 12.07 2.18 24.46
C ARG B 47 12.65 1.24 23.42
N LEU B 48 13.72 0.56 23.81
CA LEU B 48 14.43 -0.41 22.99
C LEU B 48 14.13 -1.82 23.49
N PHE B 49 14.16 -2.78 22.57
CA PHE B 49 13.88 -4.15 22.94
C PHE B 49 14.86 -4.67 23.98
N ASN B 50 16.12 -4.17 24.00
CA ASN B 50 17.12 -4.61 24.97
C ASN B 50 16.91 -4.03 26.36
N GLY B 51 15.88 -3.22 26.58
CA GLY B 51 15.57 -2.70 27.90
C GLY B 51 15.87 -1.24 28.12
N GLY B 52 16.64 -0.61 27.24
CA GLY B 52 17.01 0.78 27.40
C GLY B 52 16.06 1.74 26.70
N MET B 53 16.46 3.00 26.72
CA MET B 53 15.80 4.07 25.97
C MET B 53 16.71 4.53 24.85
N SER B 54 16.13 4.82 23.69
CA SER B 54 16.87 5.40 22.60
C SER B 54 17.31 6.82 22.96
N GLY B 55 18.26 7.34 22.18
CA GLY B 55 18.49 8.77 22.13
C GLY B 55 17.37 9.44 21.32
N GLU B 56 17.58 10.71 20.99
CA GLU B 56 16.62 11.41 20.15
C GLU B 56 16.75 10.93 18.70
N ILE B 57 15.64 10.48 18.15
CA ILE B 57 15.54 10.02 16.78
CA ILE B 57 15.58 10.05 16.77
C ILE B 57 14.76 11.09 16.01
N THR B 58 15.13 11.30 14.76
CA THR B 58 14.36 12.15 13.87
C THR B 58 13.98 11.37 12.63
N ARG B 59 12.75 11.60 12.16
CA ARG B 59 12.26 10.97 10.94
C ARG B 59 11.45 11.99 10.15
N GLU B 60 11.70 12.03 8.84
CA GLU B 60 10.95 12.83 7.91
C GLU B 60 9.69 12.07 7.51
N ILE B 61 8.53 12.70 7.72
CA ILE B 61 7.24 12.07 7.53
C ILE B 61 6.40 12.92 6.58
N PHE B 62 5.98 12.32 5.48
CA PHE B 62 5.08 12.94 4.50
C PHE B 62 3.67 12.90 5.02
N GLU B 63 3.08 14.08 5.21
CA GLU B 63 1.76 14.26 5.78
C GLU B 63 0.83 14.74 4.67
N ARG B 64 -0.06 13.86 4.26
CA ARG B 64 -0.93 14.14 3.14
C ARG B 64 -2.37 13.73 3.44
N GLY B 65 -2.74 13.71 4.71
CA GLY B 65 -4.05 13.27 5.13
C GLY B 65 -4.26 11.79 4.83
N HIS B 66 -5.53 11.39 4.86
CA HIS B 66 -5.97 10.00 4.84
C HIS B 66 -7.09 9.85 3.83
N ALA B 67 -7.32 8.61 3.39
CA ALA B 67 -8.19 8.37 2.25
C ALA B 67 -9.25 7.33 2.56
N ALA B 68 -10.36 7.44 1.83
CA ALA B 68 -11.37 6.40 1.72
C ALA B 68 -11.27 5.78 0.34
N VAL B 69 -11.37 4.46 0.29
CA VAL B 69 -11.24 3.69 -0.94
C VAL B 69 -12.46 2.80 -1.07
N LEU B 70 -13.04 2.74 -2.25
CA LEU B 70 -14.21 1.92 -2.54
C LEU B 70 -13.89 0.90 -3.63
N LEU B 71 -14.05 -0.37 -3.29
CA LEU B 71 -14.10 -1.44 -4.29
C LEU B 71 -15.55 -1.54 -4.76
N PRO B 72 -15.87 -1.14 -5.99
CA PRO B 72 -17.26 -1.23 -6.46
C PRO B 72 -17.48 -2.61 -7.07
N PHE B 73 -18.28 -3.43 -6.39
CA PHE B 73 -18.48 -4.84 -6.75
C PHE B 73 -19.96 -5.07 -7.04
N ASP B 74 -20.24 -5.66 -8.19
CA ASP B 74 -21.60 -6.04 -8.56
C ASP B 74 -21.72 -7.53 -8.25
N PRO B 75 -22.43 -7.91 -7.19
CA PRO B 75 -22.48 -9.32 -6.81
C PRO B 75 -23.39 -10.15 -7.69
N VAL B 76 -24.33 -9.52 -8.39
CA VAL B 76 -25.17 -10.26 -9.32
C VAL B 76 -24.36 -10.70 -10.52
N ARG B 77 -23.59 -9.76 -11.08
N ARG B 77 -23.62 -9.75 -11.12
CA ARG B 77 -22.85 -10.03 -12.31
CA ARG B 77 -22.85 -10.05 -12.31
C ARG B 77 -21.42 -10.46 -12.05
C ARG B 77 -21.46 -10.61 -12.03
N ASP B 78 -20.96 -10.46 -10.80
CA ASP B 78 -19.58 -10.82 -10.46
C ASP B 78 -18.59 -9.96 -11.23
N GLU B 79 -18.86 -8.65 -11.22
CA GLU B 79 -18.08 -7.66 -11.95
C GLU B 79 -17.52 -6.62 -10.99
N VAL B 80 -16.39 -6.05 -11.38
CA VAL B 80 -15.71 -4.98 -10.65
CA VAL B 80 -15.78 -4.96 -10.63
C VAL B 80 -15.62 -3.75 -11.55
N VAL B 81 -15.78 -2.57 -10.96
CA VAL B 81 -15.62 -1.32 -11.66
C VAL B 81 -14.26 -0.75 -11.29
N LEU B 82 -13.45 -0.42 -12.31
CA LEU B 82 -12.15 0.20 -12.15
C LEU B 82 -12.22 1.59 -12.74
N VAL B 83 -11.38 2.49 -12.24
CA VAL B 83 -11.22 3.82 -12.80
C VAL B 83 -9.80 3.99 -13.28
N GLU B 84 -9.66 4.59 -14.45
CA GLU B 84 -8.36 4.85 -15.04
C GLU B 84 -8.09 6.35 -15.03
N GLN B 85 -6.91 6.73 -14.56
CA GLN B 85 -6.50 8.12 -14.56
C GLN B 85 -4.98 8.19 -14.43
N ILE B 86 -4.43 9.34 -14.84
CA ILE B 86 -2.99 9.52 -14.74
C ILE B 86 -2.58 9.75 -13.30
N ARG B 87 -1.46 9.15 -12.91
CA ARG B 87 -0.81 9.37 -11.62
C ARG B 87 0.65 9.62 -11.98
N ILE B 88 1.04 10.90 -12.05
CA ILE B 88 2.35 11.20 -12.59
C ILE B 88 3.47 10.55 -11.77
N ALA B 89 3.25 10.37 -10.47
CA ALA B 89 4.29 9.75 -9.65
C ALA B 89 4.63 8.34 -10.07
N ALA B 90 3.74 7.65 -10.78
CA ALA B 90 4.04 6.32 -11.28
C ALA B 90 5.02 6.33 -12.45
N TYR B 91 5.30 7.49 -13.03
CA TYR B 91 5.98 7.55 -14.32
C TYR B 91 7.33 6.84 -14.31
N ASP B 92 8.16 7.09 -13.30
CA ASP B 92 9.55 6.65 -13.37
C ASP B 92 9.71 5.14 -13.26
N THR B 93 8.72 4.42 -12.75
CA THR B 93 8.88 3.00 -12.49
C THR B 93 7.83 2.16 -13.21
N SER B 94 7.04 2.75 -14.10
CA SER B 94 5.91 2.08 -14.71
C SER B 94 5.96 2.28 -16.22
N GLU B 95 5.29 1.38 -16.95
CA GLU B 95 5.26 1.55 -18.39
C GLU B 95 4.44 2.76 -18.79
N SER B 96 3.37 3.04 -18.06
CA SER B 96 2.56 4.21 -18.31
C SER B 96 2.12 4.80 -16.97
N PRO B 97 2.01 6.12 -16.87
CA PRO B 97 1.48 6.71 -15.63
C PRO B 97 -0.03 6.62 -15.49
N TRP B 98 -0.76 6.21 -16.51
CA TRP B 98 -2.19 5.95 -16.36
C TRP B 98 -2.38 4.61 -15.67
N LEU B 99 -3.09 4.63 -14.55
CA LEU B 99 -3.28 3.47 -13.70
C LEU B 99 -4.75 3.08 -13.64
N LEU B 100 -4.98 1.77 -13.42
CA LEU B 100 -6.30 1.24 -13.13
C LEU B 100 -6.42 1.10 -11.62
N GLU B 101 -7.44 1.73 -11.05
N GLU B 101 -7.41 1.75 -11.03
CA GLU B 101 -7.51 1.96 -9.61
CA GLU B 101 -7.49 1.88 -9.59
C GLU B 101 -8.93 1.82 -9.08
C GLU B 101 -8.91 1.76 -9.08
N MET B 102 -9.02 1.84 -7.76
CA MET B 102 -10.27 1.94 -7.05
C MET B 102 -10.70 3.39 -6.96
N VAL B 103 -12.02 3.58 -6.93
CA VAL B 103 -12.58 4.86 -6.52
C VAL B 103 -11.98 5.22 -5.17
N ALA B 104 -11.56 6.47 -4.99
CA ALA B 104 -10.92 6.86 -3.75
C ALA B 104 -10.86 8.38 -3.64
N GLY B 105 -10.80 8.87 -2.40
CA GLY B 105 -10.53 10.29 -2.20
C GLY B 105 -10.17 10.63 -0.78
N MET B 106 -9.77 11.87 -0.59
CA MET B 106 -9.31 12.33 0.70
C MET B 106 -10.48 12.54 1.64
N ILE B 107 -10.27 12.21 2.90
CA ILE B 107 -11.26 12.41 3.95
C ILE B 107 -10.96 13.75 4.59
N GLU B 108 -11.92 14.66 4.51
CA GLU B 108 -11.78 15.97 5.11
C GLU B 108 -12.32 15.95 6.54
N ALA B 109 -11.99 17.00 7.29
CA ALA B 109 -12.36 17.08 8.69
C ALA B 109 -13.86 16.86 8.87
N GLY B 110 -14.20 15.94 9.77
CA GLY B 110 -15.59 15.71 10.13
C GLY B 110 -16.36 14.77 9.23
N GLU B 111 -15.74 14.25 8.17
CA GLU B 111 -16.40 13.34 7.24
C GLU B 111 -16.18 11.90 7.65
N THR B 112 -17.10 11.05 7.21
CA THR B 112 -16.94 9.61 7.40
C THR B 112 -16.32 8.97 6.17
N VAL B 113 -15.69 7.83 6.39
CA VAL B 113 -15.11 7.07 5.30
C VAL B 113 -16.17 6.76 4.26
N GLU B 114 -17.34 6.35 4.72
CA GLU B 114 -18.39 5.90 3.82
C GLU B 114 -18.97 7.07 3.02
N ASP B 115 -19.11 8.23 3.64
CA ASP B 115 -19.61 9.39 2.90
C ASP B 115 -18.64 9.78 1.79
N VAL B 116 -17.33 9.73 2.07
CA VAL B 116 -16.36 10.06 1.04
C VAL B 116 -16.42 9.02 -0.08
N ALA B 117 -16.48 7.75 0.27
CA ALA B 117 -16.57 6.70 -0.74
C ALA B 117 -17.77 6.90 -1.65
N ARG B 118 -18.94 7.22 -1.08
CA ARG B 118 -20.13 7.42 -1.90
C ARG B 118 -19.98 8.63 -2.82
N ARG B 119 -19.44 9.73 -2.28
CA ARG B 119 -19.27 10.92 -3.11
C ARG B 119 -18.30 10.66 -4.24
N GLU B 120 -17.17 10.02 -3.95
CA GLU B 120 -16.20 9.74 -5.02
C GLU B 120 -16.76 8.75 -6.03
N ALA B 121 -17.57 7.79 -5.60
CA ALA B 121 -18.15 6.85 -6.55
C ALA B 121 -19.03 7.57 -7.57
N LEU B 122 -19.75 8.60 -7.12
N LEU B 122 -19.78 8.58 -7.12
CA LEU B 122 -20.60 9.36 -8.03
CA LEU B 122 -20.57 9.37 -8.05
C LEU B 122 -19.77 10.30 -8.91
C LEU B 122 -19.68 10.22 -8.93
N GLU B 123 -18.74 10.94 -8.33
CA GLU B 123 -17.93 11.89 -9.10
C GLU B 123 -17.02 11.19 -10.08
N GLU B 124 -16.48 10.04 -9.70
CA GLU B 124 -15.44 9.37 -10.47
C GLU B 124 -15.97 8.28 -11.37
N ALA B 125 -17.15 7.74 -11.09
CA ALA B 125 -17.65 6.63 -11.88
C ALA B 125 -19.14 6.74 -12.17
N GLY B 126 -19.81 7.79 -11.72
CA GLY B 126 -21.24 7.91 -11.96
C GLY B 126 -22.06 6.86 -11.24
N LEU B 127 -21.56 6.32 -10.14
CA LEU B 127 -22.12 5.14 -9.52
C LEU B 127 -22.85 5.45 -8.22
N GLU B 128 -24.04 4.90 -8.09
N GLU B 128 -24.06 4.95 -8.11
CA GLU B 128 -24.75 4.81 -6.81
CA GLU B 128 -24.73 4.81 -6.83
C GLU B 128 -24.36 3.51 -6.12
C GLU B 128 -24.22 3.55 -6.13
N VAL B 129 -24.18 3.58 -4.81
CA VAL B 129 -23.71 2.46 -4.01
C VAL B 129 -24.85 2.01 -3.11
N GLY B 130 -25.01 0.70 -2.98
CA GLY B 130 -26.01 0.13 -2.10
C GLY B 130 -25.43 -0.22 -0.75
N ARG B 131 -25.43 -1.51 -0.41
CA ARG B 131 -24.84 -1.95 0.84
C ARG B 131 -23.32 -1.79 0.80
N THR B 132 -22.71 -1.72 1.97
CA THR B 132 -21.25 -1.67 2.07
C THR B 132 -20.80 -2.56 3.22
N LYS B 133 -19.54 -2.97 3.13
CA LYS B 133 -18.87 -3.67 4.21
C LYS B 133 -17.41 -3.19 4.24
N PRO B 134 -16.79 -3.10 5.42
CA PRO B 134 -15.36 -2.80 5.44
C PRO B 134 -14.55 -3.94 4.83
N ILE B 135 -13.46 -3.57 4.19
CA ILE B 135 -12.43 -4.52 3.78
C ILE B 135 -11.33 -4.45 4.84
N LEU B 136 -10.47 -3.45 4.75
CA LEU B 136 -9.28 -3.33 5.58
C LEU B 136 -8.91 -1.87 5.59
N SER B 137 -8.24 -1.43 6.64
CA SER B 137 -7.65 -0.11 6.71
C SER B 137 -6.15 -0.26 6.89
N TYR B 138 -5.37 0.37 6.00
CA TYR B 138 -3.93 0.11 5.97
C TYR B 138 -3.12 1.38 5.89
N LEU B 139 -1.90 1.29 6.40
CA LEU B 139 -0.88 2.32 6.25
C LEU B 139 -0.12 2.08 4.94
N ALA B 140 -0.16 3.08 4.06
CA ALA B 140 0.44 2.93 2.74
C ALA B 140 1.93 2.59 2.79
N SER B 141 2.69 3.27 3.65
CA SER B 141 4.14 3.11 3.68
C SER B 141 4.67 3.78 4.94
N PRO B 142 4.48 3.15 6.09
CA PRO B 142 4.61 3.87 7.37
C PRO B 142 6.03 4.19 7.78
N GLY B 143 7.05 3.78 7.04
CA GLY B 143 8.39 4.28 7.32
C GLY B 143 8.58 5.73 6.95
N GLY B 144 7.75 6.27 6.06
CA GLY B 144 7.93 7.62 5.56
C GLY B 144 6.68 8.46 5.37
N THR B 145 5.49 7.90 5.53
CA THR B 145 4.25 8.68 5.41
C THR B 145 3.25 8.17 6.44
N SER B 146 2.46 9.11 6.97
CA SER B 146 1.42 8.75 7.92
C SER B 146 0.15 8.22 7.24
N GLU B 147 0.08 8.25 5.92
CA GLU B 147 -1.17 8.03 5.22
C GLU B 147 -1.78 6.67 5.54
N ARG B 148 -3.03 6.73 5.95
CA ARG B 148 -3.89 5.56 6.13
C ARG B 148 -5.01 5.63 5.10
N LEU B 149 -5.36 4.46 4.55
CA LEU B 149 -6.42 4.34 3.56
C LEU B 149 -7.39 3.27 4.06
N SER B 150 -8.67 3.62 4.14
CA SER B 150 -9.68 2.72 4.64
C SER B 150 -10.54 2.27 3.49
N ILE B 151 -10.52 0.96 3.21
CA ILE B 151 -11.18 0.38 2.05
C ILE B 151 -12.51 -0.22 2.49
N LEU B 152 -13.56 0.09 1.71
N LEU B 152 -13.55 0.00 1.71
CA LEU B 152 -14.88 -0.53 1.77
CA LEU B 152 -14.75 -0.78 1.86
C LEU B 152 -15.12 -1.30 0.47
C LEU B 152 -15.23 -1.24 0.50
N VAL B 153 -15.99 -2.31 0.52
CA VAL B 153 -16.62 -2.85 -0.68
C VAL B 153 -18.03 -2.30 -0.73
N GLY B 154 -18.43 -1.84 -1.90
CA GLY B 154 -19.75 -1.27 -2.10
C GLY B 154 -20.48 -2.01 -3.20
N GLU B 155 -21.75 -2.31 -2.93
CA GLU B 155 -22.61 -3.00 -3.87
C GLU B 155 -23.02 -2.05 -4.98
N VAL B 156 -22.74 -2.41 -6.23
CA VAL B 156 -23.09 -1.58 -7.36
C VAL B 156 -23.76 -2.42 -8.45
N ASP B 157 -24.45 -1.72 -9.35
CA ASP B 157 -24.95 -2.29 -10.60
C ASP B 157 -23.93 -1.88 -11.66
N ALA B 158 -23.06 -2.81 -12.04
CA ALA B 158 -21.97 -2.47 -12.95
C ALA B 158 -22.47 -2.06 -14.33
N SER B 159 -23.70 -2.41 -14.70
CA SER B 159 -24.21 -1.97 -16.00
C SER B 159 -24.39 -0.47 -16.06
N THR B 160 -24.44 0.21 -14.91
CA THR B 160 -24.59 1.66 -14.85
C THR B 160 -23.25 2.38 -14.84
N ALA B 161 -22.16 1.64 -14.83
CA ALA B 161 -20.80 2.18 -14.73
C ALA B 161 -20.22 2.26 -16.14
N LYS B 162 -20.02 3.47 -16.64
CA LYS B 162 -19.48 3.64 -17.98
C LYS B 162 -19.15 5.09 -18.21
N GLY B 163 -18.19 5.34 -19.09
CA GLY B 163 -17.93 6.67 -19.58
C GLY B 163 -16.80 7.38 -18.87
N ILE B 164 -16.75 8.68 -19.12
CA ILE B 164 -15.69 9.57 -18.65
C ILE B 164 -16.26 10.45 -17.56
N HIS B 165 -15.56 10.49 -16.42
CA HIS B 165 -16.01 11.15 -15.22
C HIS B 165 -14.83 11.93 -14.65
N GLY B 166 -14.89 12.21 -13.36
CA GLY B 166 -13.95 13.11 -12.73
C GLY B 166 -14.43 14.55 -12.80
N LEU B 167 -13.98 15.35 -11.84
CA LEU B 167 -14.28 16.78 -11.84
C LEU B 167 -13.22 17.49 -12.67
N ALA B 168 -13.59 17.91 -13.88
CA ALA B 168 -12.62 18.50 -14.80
C ALA B 168 -12.02 19.78 -14.23
N GLU B 169 -12.84 20.60 -13.56
CA GLU B 169 -12.34 21.81 -12.93
C GLU B 169 -11.30 21.53 -11.85
N GLU B 170 -11.13 20.27 -11.45
CA GLU B 170 -10.10 19.88 -10.50
C GLU B 170 -8.99 19.07 -11.17
N ASN B 171 -8.91 19.12 -12.50
CA ASN B 171 -7.90 18.38 -13.27
C ASN B 171 -7.98 16.89 -13.01
N GLU B 172 -9.21 16.37 -12.91
CA GLU B 172 -9.48 14.96 -12.63
C GLU B 172 -10.20 14.39 -13.84
N ASP B 173 -9.50 13.57 -14.64
CA ASP B 173 -10.00 13.02 -15.89
C ASP B 173 -9.95 11.50 -15.76
N ILE B 174 -11.11 10.86 -15.74
CA ILE B 174 -11.25 9.48 -15.29
C ILE B 174 -12.07 8.69 -16.29
N ARG B 175 -11.58 7.51 -16.68
CA ARG B 175 -12.32 6.61 -17.55
C ARG B 175 -12.74 5.37 -16.77
N VAL B 176 -14.01 5.02 -16.87
CA VAL B 176 -14.53 3.82 -16.21
C VAL B 176 -14.25 2.59 -17.06
N HIS B 177 -13.81 1.53 -16.40
CA HIS B 177 -13.66 0.21 -16.99
C HIS B 177 -14.43 -0.78 -16.15
N VAL B 178 -15.18 -1.66 -16.80
CA VAL B 178 -15.86 -2.74 -16.10
C VAL B 178 -15.28 -4.06 -16.58
N VAL B 179 -14.91 -4.92 -15.63
CA VAL B 179 -14.31 -6.22 -15.90
C VAL B 179 -14.98 -7.24 -14.99
N SER B 180 -14.86 -8.53 -15.32
CA SER B 180 -15.26 -9.52 -14.34
C SER B 180 -14.29 -9.52 -13.17
N ARG B 181 -14.74 -10.05 -12.03
CA ARG B 181 -13.84 -10.19 -10.89
C ARG B 181 -12.61 -11.01 -11.27
N GLU B 182 -12.82 -12.13 -11.97
CA GLU B 182 -11.66 -12.97 -12.28
C GLU B 182 -10.70 -12.23 -13.19
N GLN B 183 -11.24 -11.43 -14.11
CA GLN B 183 -10.40 -10.63 -15.00
C GLN B 183 -9.58 -9.60 -14.22
N ALA B 184 -10.23 -8.90 -13.29
CA ALA B 184 -9.49 -7.93 -12.47
C ALA B 184 -8.38 -8.61 -11.69
N TYR B 185 -8.66 -9.78 -11.11
CA TYR B 185 -7.66 -10.46 -10.32
C TYR B 185 -6.51 -10.94 -11.19
N GLN B 186 -6.82 -11.45 -12.39
CA GLN B 186 -5.77 -11.81 -13.32
C GLN B 186 -4.89 -10.61 -13.62
N TRP B 187 -5.48 -9.42 -13.74
CA TRP B 187 -4.69 -8.23 -14.00
C TRP B 187 -3.79 -7.90 -12.82
N VAL B 188 -4.21 -8.17 -11.58
CA VAL B 188 -3.29 -8.08 -10.44
C VAL B 188 -2.15 -9.07 -10.59
N GLU B 189 -2.47 -10.32 -10.90
CA GLU B 189 -1.41 -11.33 -10.99
C GLU B 189 -0.37 -10.95 -12.03
N GLU B 190 -0.81 -10.39 -13.16
CA GLU B 190 0.07 -10.04 -14.27
C GLU B 190 0.78 -8.70 -14.08
N GLY B 191 0.44 -7.94 -13.05
CA GLY B 191 1.06 -6.65 -12.85
C GLY B 191 0.42 -5.50 -13.58
N LYS B 192 -0.71 -5.73 -14.25
CA LYS B 192 -1.45 -4.68 -14.94
C LYS B 192 -2.19 -3.77 -13.97
N ILE B 193 -2.57 -4.29 -12.81
CA ILE B 193 -3.03 -3.51 -11.67
C ILE B 193 -1.97 -3.68 -10.60
N ASP B 194 -1.34 -2.58 -10.17
CA ASP B 194 -0.17 -2.68 -9.30
C ASP B 194 -0.07 -1.49 -8.35
N ASN B 195 -1.19 -0.94 -7.93
CA ASN B 195 -1.21 0.06 -6.87
C ASN B 195 -1.79 -0.59 -5.61
N ALA B 196 -1.26 -0.20 -4.46
CA ALA B 196 -1.59 -0.89 -3.22
C ALA B 196 -3.09 -1.02 -2.97
N ALA B 197 -3.83 0.08 -3.13
CA ALA B 197 -5.24 0.05 -2.76
C ALA B 197 -5.99 -1.01 -3.57
N SER B 198 -5.69 -1.09 -4.87
CA SER B 198 -6.40 -2.03 -5.73
C SER B 198 -5.94 -3.45 -5.50
N VAL B 199 -4.63 -3.65 -5.30
CA VAL B 199 -4.12 -4.99 -5.01
C VAL B 199 -4.75 -5.53 -3.75
N ILE B 200 -4.75 -4.73 -2.68
CA ILE B 200 -5.31 -5.17 -1.41
C ILE B 200 -6.80 -5.47 -1.57
N ALA B 201 -7.54 -4.57 -2.22
CA ALA B 201 -8.97 -4.77 -2.36
C ALA B 201 -9.29 -6.02 -3.18
N LEU B 202 -8.56 -6.24 -4.28
CA LEU B 202 -8.87 -7.35 -5.17
C LEU B 202 -8.38 -8.68 -4.60
N GLN B 203 -7.27 -8.68 -3.88
CA GLN B 203 -6.90 -9.90 -3.17
C GLN B 203 -7.94 -10.22 -2.12
N TRP B 204 -8.40 -9.20 -1.39
CA TRP B 204 -9.46 -9.43 -0.41
C TRP B 204 -10.68 -10.01 -1.09
N LEU B 205 -11.05 -9.46 -2.25
CA LEU B 205 -12.23 -9.96 -2.93
C LEU B 205 -12.05 -11.42 -3.33
N GLN B 206 -10.84 -11.79 -3.75
CA GLN B 206 -10.60 -13.18 -4.14
CA GLN B 206 -10.61 -13.17 -4.15
C GLN B 206 -10.73 -14.11 -2.95
N LEU B 207 -10.44 -13.61 -1.75
CA LEU B 207 -10.51 -14.39 -0.53
C LEU B 207 -11.90 -14.38 0.12
N HIS B 208 -12.82 -13.53 -0.34
CA HIS B 208 -14.11 -13.39 0.32
C HIS B 208 -15.31 -13.41 -0.62
N TYR B 209 -15.12 -13.58 -1.93
CA TYR B 209 -16.22 -13.34 -2.85
C TYR B 209 -17.38 -14.32 -2.69
N HIS B 210 -17.08 -15.58 -2.37
N HIS B 210 -17.09 -15.57 -2.33
CA HIS B 210 -18.15 -16.56 -2.20
CA HIS B 210 -18.16 -16.55 -2.21
C HIS B 210 -19.14 -16.10 -1.14
C HIS B 210 -19.15 -16.16 -1.12
N ASN B 211 -18.64 -15.81 0.06
CA ASN B 211 -19.52 -15.39 1.14
C ASN B 211 -20.17 -14.06 0.84
N LEU B 212 -19.43 -13.11 0.23
CA LEU B 212 -20.02 -11.81 -0.06
C LEU B 212 -21.16 -11.91 -1.07
N ARG B 213 -20.94 -12.67 -2.16
CA ARG B 213 -22.00 -12.85 -3.15
C ARG B 213 -23.22 -13.50 -2.51
N ASN B 214 -23.00 -14.47 -1.62
N ASN B 214 -23.00 -14.49 -1.66
CA ASN B 214 -24.14 -15.13 -0.99
CA ASN B 214 -24.13 -15.11 -0.98
C ASN B 214 -24.87 -14.16 -0.05
C ASN B 214 -24.88 -14.08 -0.14
N GLU B 215 -24.13 -13.30 0.66
CA GLU B 215 -24.76 -12.34 1.55
C GLU B 215 -25.59 -11.33 0.76
N TRP B 216 -25.12 -10.94 -0.42
CA TRP B 216 -25.74 -9.86 -1.17
C TRP B 216 -26.70 -10.34 -2.26
N THR B 217 -26.86 -11.65 -2.43
CA THR B 217 -27.86 -12.14 -3.38
C THR B 217 -28.93 -13.00 -2.71
N LYS B 218 -28.97 -13.05 -1.38
CA LYS B 218 -30.03 -13.75 -0.67
C LYS B 218 -31.38 -13.09 -0.98
N1 FMN C . 15.99 9.63 8.38
C2 FMN C . 14.65 9.66 8.10
O2 FMN C . 14.07 10.72 8.12
N3 FMN C . 13.95 8.51 7.81
C4 FMN C . 14.57 7.30 7.80
O4 FMN C . 13.89 6.32 7.53
C4A FMN C . 15.93 7.25 8.06
N5 FMN C . 16.61 6.06 8.05
C5A FMN C . 17.95 6.07 8.31
C6 FMN C . 18.61 4.85 8.30
C7 FMN C . 19.96 4.80 8.56
C7M FMN C . 20.61 3.45 8.49
C8 FMN C . 20.68 5.97 8.83
C8M FMN C . 22.16 5.96 9.12
C9 FMN C . 20.01 7.19 8.85
C9A FMN C . 18.66 7.25 8.59
N10 FMN C . 17.98 8.45 8.63
C10 FMN C . 16.63 8.43 8.35
C1' FMN C . 18.66 9.77 8.89
C2' FMN C . 18.92 10.10 10.36
O2' FMN C . 17.70 10.38 11.01
C3' FMN C . 19.82 11.31 10.52
O3' FMN C . 19.19 12.42 9.91
C4' FMN C . 21.21 11.09 9.91
O4' FMN C . 21.71 9.85 10.35
C5' FMN C . 22.18 12.21 10.29
O5' FMN C . 22.28 12.33 11.69
P FMN C . 23.15 13.51 12.35
O1P FMN C . 22.66 14.82 11.80
O2P FMN C . 24.61 13.31 12.00
O3P FMN C . 22.97 13.49 13.85
MG MG D . 16.90 -2.80 7.50
MG MG E . 11.72 -3.96 7.98
N1 FMN F . -1.81 19.48 -5.50
C2 FMN F . -0.97 18.40 -5.35
O2 FMN F . 0.24 18.60 -5.30
N3 FMN F . -1.44 17.11 -5.26
C4 FMN F . -2.78 16.86 -5.30
O4 FMN F . -3.14 15.69 -5.22
C4A FMN F . -3.66 17.94 -5.46
N5 FMN F . -5.01 17.75 -5.52
C5A FMN F . -5.85 18.84 -5.67
C6 FMN F . -7.22 18.66 -5.73
C7 FMN F . -8.07 19.75 -5.88
C7M FMN F . -9.55 19.57 -5.94
C8 FMN F . -7.55 21.04 -5.96
C8M FMN F . -8.47 22.20 -6.12
C9 FMN F . -6.18 21.23 -5.91
C9A FMN F . -5.33 20.14 -5.76
N10 FMN F . -3.97 20.33 -5.71
C10 FMN F . -3.15 19.24 -5.54
C1' FMN F . -3.36 21.70 -5.77
C2' FMN F . -3.21 22.22 -7.20
O2' FMN F . -2.28 21.42 -7.89
C3' FMN F . -2.72 23.66 -7.22
O3' FMN F . -1.47 23.76 -6.60
C4' FMN F . -3.70 24.59 -6.51
O4' FMN F . -5.00 24.39 -7.02
C5' FMN F . -3.29 26.05 -6.68
O5' FMN F . -3.16 26.34 -8.04
P FMN F . -2.95 27.87 -8.50
O1P FMN F . -1.53 28.28 -8.15
O2P FMN F . -3.17 27.98 -10.00
O3P FMN F . -3.93 28.75 -7.77
MG MG G . -12.06 12.19 -6.74
MG MG H . -9.72 9.66 -6.61
MG MG I . 2.02 9.37 27.49
#